data_1JE5
#
_entry.id   1JE5
#
_cell.length_a   68.100
_cell.length_b   71.800
_cell.length_c   82.200
_cell.angle_alpha   90.00
_cell.angle_beta   90.00
_cell.angle_gamma   90.00
#
_symmetry.space_group_name_H-M   'P 21 21 21'
#
loop_
_entity.id
_entity.type
_entity.pdbx_description
1 polymer 'HELIX-DESTABILIZING PROTEIN'
2 non-polymer 'CALCIUM ION'
3 water water
#
_entity_poly.entity_id   1
_entity_poly.type   'polypeptide(L)'
_entity_poly.pdbx_seq_one_letter_code
;MAKKIFTSALGTAEPYAYIAKPDYGNEERGFGNPRGVYKVDLTIPNKDPRCQRMVDEIVKCHEEAYAAAVEEYEANPPAV
ARGKKPLKPYEGDMPFFDNGDGTTTFKFKCYASFQDKKTKETKHINLVVVDSKGKKMEDVPIIGGGSKLKVKYSLVPYKW
NTAVGASVKLQLESVMLVELATFGGGEDDWADEVEENGYVASGSAK
;
_entity_poly.pdbx_strand_id   A,B
#
loop_
_chem_comp.id
_chem_comp.type
_chem_comp.name
_chem_comp.formula
CA non-polymer 'CALCIUM ION' 'Ca 2'
#
# COMPACT_ATOMS: atom_id res chain seq x y z
N MET A 1 15.26 14.39 -0.77
CA MET A 1 14.07 15.12 -1.32
C MET A 1 13.31 15.63 -0.11
N ALA A 2 14.13 16.14 0.78
CA ALA A 2 13.77 16.64 2.07
C ALA A 2 13.65 18.15 2.04
N LYS A 3 12.68 18.66 1.26
CA LYS A 3 12.52 20.10 1.14
C LYS A 3 11.69 20.74 2.24
N LYS A 4 10.38 20.84 2.02
CA LYS A 4 9.49 21.39 3.03
C LYS A 4 9.31 20.22 4.00
N ILE A 5 9.68 20.40 5.27
CA ILE A 5 9.57 19.32 6.25
C ILE A 5 8.39 19.50 7.22
N PHE A 6 7.58 18.46 7.35
CA PHE A 6 6.42 18.49 8.24
C PHE A 6 6.71 17.61 9.44
N THR A 7 5.99 17.84 10.54
CA THR A 7 6.12 17.01 11.73
C THR A 7 4.76 16.39 12.04
N SER A 8 4.75 15.09 12.34
CA SER A 8 3.48 14.44 12.65
C SER A 8 3.04 14.72 14.07
N ALA A 9 1.81 14.31 14.34
CA ALA A 9 1.24 14.39 15.67
C ALA A 9 1.88 13.19 16.38
N LEU A 10 1.73 13.12 17.70
CA LEU A 10 2.21 11.99 18.50
C LEU A 10 1.36 10.79 18.11
N GLY A 11 1.99 9.68 17.79
CA GLY A 11 1.20 8.53 17.40
C GLY A 11 1.80 7.26 17.94
N THR A 12 1.22 6.14 17.54
CA THR A 12 1.67 4.85 17.98
C THR A 12 2.14 4.04 16.78
N ALA A 13 3.31 3.46 16.89
CA ALA A 13 3.86 2.68 15.78
C ALA A 13 3.21 1.33 15.66
N GLU A 14 2.92 0.95 14.43
CA GLU A 14 2.33 -0.34 14.19
C GLU A 14 3.51 -1.29 14.27
N PRO A 15 3.25 -2.58 14.53
CA PRO A 15 4.38 -3.52 14.60
C PRO A 15 5.17 -3.65 13.29
N TYR A 16 6.42 -4.11 13.41
CA TYR A 16 7.34 -4.35 12.30
C TYR A 16 7.84 -3.12 11.55
N ALA A 17 8.10 -2.06 12.30
CA ALA A 17 8.63 -0.88 11.68
C ALA A 17 10.12 -1.15 11.47
N TYR A 18 10.72 -0.37 10.58
CA TYR A 18 12.14 -0.48 10.30
C TYR A 18 12.69 0.92 10.47
N ILE A 19 13.12 1.21 11.69
CA ILE A 19 13.62 2.54 11.99
C ILE A 19 15.06 2.51 12.43
N ALA A 20 15.35 1.58 13.34
CA ALA A 20 16.70 1.41 13.87
C ALA A 20 17.58 0.85 12.74
N LYS A 21 16.95 0.20 11.78
CA LYS A 21 17.66 -0.37 10.64
C LYS A 21 16.64 -0.50 9.54
N PRO A 22 17.09 -0.50 8.27
CA PRO A 22 16.12 -0.63 7.19
C PRO A 22 15.74 -2.06 6.83
N ASP A 23 14.70 -2.16 6.00
CA ASP A 23 14.16 -3.42 5.52
C ASP A 23 14.87 -3.81 4.22
N TYR A 24 15.72 -4.83 4.30
CA TYR A 24 16.41 -5.31 3.10
C TYR A 24 15.78 -6.59 2.55
N GLY A 25 14.45 -6.64 2.49
CA GLY A 25 13.74 -7.82 2.00
C GLY A 25 14.34 -8.45 0.74
N ASN A 26 14.62 -7.60 -0.24
CA ASN A 26 15.25 -7.94 -1.53
C ASN A 26 15.07 -9.33 -2.16
N GLY A 30 11.14 -11.17 -1.78
CA GLY A 30 11.13 -9.68 -2.08
C GLY A 30 12.13 -9.20 -3.10
N PHE A 31 12.02 -9.64 -4.33
CA PHE A 31 12.95 -9.28 -5.39
C PHE A 31 12.35 -8.01 -5.93
N GLY A 32 13.19 -7.03 -6.19
CA GLY A 32 12.61 -5.80 -6.65
C GLY A 32 13.52 -4.77 -6.04
N ASN A 33 13.02 -3.57 -5.81
CA ASN A 33 13.91 -2.57 -5.30
C ASN A 33 14.88 -3.17 -4.29
N PRO A 34 16.16 -3.28 -4.71
CA PRO A 34 17.23 -3.83 -3.88
C PRO A 34 17.39 -2.89 -2.71
N ARG A 35 17.21 -1.62 -3.00
CA ARG A 35 17.35 -0.56 -2.02
C ARG A 35 16.66 -0.91 -0.70
N GLY A 36 17.34 -0.61 0.39
CA GLY A 36 16.76 -0.87 1.70
C GLY A 36 15.67 0.17 1.90
N VAL A 37 14.77 -0.07 2.84
CA VAL A 37 13.71 0.90 3.09
C VAL A 37 13.48 1.09 4.58
N TYR A 38 13.46 2.33 5.03
CA TYR A 38 13.12 2.60 6.42
C TYR A 38 11.63 2.85 6.31
N LYS A 39 10.86 2.40 7.30
CA LYS A 39 9.44 2.65 7.27
C LYS A 39 8.80 2.47 8.61
N VAL A 40 7.68 3.16 8.80
CA VAL A 40 6.88 3.02 10.01
C VAL A 40 5.48 3.46 9.65
N ASP A 41 4.50 2.74 10.18
CA ASP A 41 3.10 3.08 9.99
C ASP A 41 2.76 3.67 11.36
N LEU A 42 2.35 4.93 11.35
CA LEU A 42 2.07 5.66 12.58
C LEU A 42 0.58 5.86 12.71
N THR A 43 0.01 5.39 13.81
CA THR A 43 -1.43 5.51 14.01
C THR A 43 -1.70 6.61 15.02
N ILE A 44 -2.48 7.60 14.60
CA ILE A 44 -2.77 8.80 15.39
C ILE A 44 -4.25 9.00 15.69
N PRO A 45 -4.58 9.39 16.94
CA PRO A 45 -5.98 9.61 17.32
C PRO A 45 -6.57 10.72 16.50
N ASN A 46 -7.76 10.48 15.94
CA ASN A 46 -8.42 11.48 15.11
C ASN A 46 -8.77 12.76 15.86
N LYS A 47 -9.00 12.68 17.17
CA LYS A 47 -9.33 13.92 17.87
C LYS A 47 -8.13 14.82 18.11
N ASP A 48 -6.91 14.33 17.87
CA ASP A 48 -5.76 15.22 18.02
C ASP A 48 -5.88 16.12 16.78
N PRO A 49 -5.93 17.45 16.97
CA PRO A 49 -6.07 18.42 15.88
C PRO A 49 -4.98 18.36 14.80
N ARG A 50 -3.78 17.95 15.19
CA ARG A 50 -2.69 17.86 14.22
C ARG A 50 -2.97 16.74 13.23
N CYS A 51 -3.69 15.72 13.66
CA CYS A 51 -4.02 14.61 12.76
C CYS A 51 -4.82 15.13 11.57
N GLN A 52 -5.85 15.91 11.85
CA GLN A 52 -6.69 16.44 10.78
C GLN A 52 -5.90 17.37 9.86
N ARG A 53 -4.97 18.13 10.44
CA ARG A 53 -4.15 19.03 9.65
C ARG A 53 -3.20 18.24 8.75
N MET A 54 -2.70 17.13 9.26
CA MET A 54 -1.79 16.30 8.49
C MET A 54 -2.52 15.85 7.24
N VAL A 55 -3.75 15.39 7.42
CA VAL A 55 -4.54 14.93 6.28
C VAL A 55 -4.79 16.07 5.30
N ASP A 56 -5.19 17.23 5.83
CA ASP A 56 -5.45 18.40 4.98
C ASP A 56 -4.28 18.74 4.07
N GLU A 57 -3.09 18.68 4.64
CA GLU A 57 -1.86 19.01 3.93
C GLU A 57 -1.54 18.00 2.84
N ILE A 58 -1.73 16.73 3.15
CA ILE A 58 -1.46 15.70 2.16
C ILE A 58 -2.46 15.83 1.04
N VAL A 59 -3.73 15.98 1.39
CA VAL A 59 -4.79 16.11 0.40
C VAL A 59 -4.59 17.35 -0.47
N LYS A 60 -4.18 18.46 0.14
CA LYS A 60 -3.92 19.68 -0.63
C LYS A 60 -2.76 19.46 -1.60
N CYS A 61 -1.71 18.80 -1.13
CA CYS A 61 -0.55 18.52 -1.97
C CYS A 61 -1.01 17.65 -3.14
N HIS A 62 -1.80 16.62 -2.84
CA HIS A 62 -2.28 15.74 -3.88
C HIS A 62 -3.15 16.47 -4.89
N GLU A 63 -4.16 17.19 -4.40
CA GLU A 63 -5.08 17.90 -5.29
C GLU A 63 -4.32 18.84 -6.20
N GLU A 64 -3.37 19.55 -5.65
CA GLU A 64 -2.56 20.49 -6.41
C GLU A 64 -1.73 19.80 -7.51
N ALA A 65 -0.99 18.77 -7.13
CA ALA A 65 -0.16 18.09 -8.10
C ALA A 65 -1.00 17.31 -9.13
N TYR A 66 -2.10 16.71 -8.70
CA TYR A 66 -2.96 15.94 -9.60
C TYR A 66 -3.61 16.88 -10.62
N ALA A 67 -4.05 18.04 -10.14
CA ALA A 67 -4.67 19.03 -11.00
C ALA A 67 -3.68 19.47 -12.07
N ALA A 68 -2.43 19.66 -11.67
CA ALA A 68 -1.39 20.09 -12.60
C ALA A 68 -1.10 18.99 -13.64
N ALA A 69 -1.00 17.74 -13.16
CA ALA A 69 -0.72 16.59 -14.03
C ALA A 69 -1.84 16.39 -15.03
N VAL A 70 -3.07 16.54 -14.56
CA VAL A 70 -4.23 16.39 -15.41
C VAL A 70 -4.25 17.47 -16.50
N GLU A 71 -4.00 18.74 -16.12
CA GLU A 71 -4.02 19.80 -17.14
C GLU A 71 -2.90 19.55 -18.16
N GLU A 72 -1.75 19.11 -17.69
CA GLU A 72 -0.60 18.78 -18.55
C GLU A 72 -0.99 17.70 -19.58
N TYR A 73 -1.66 16.67 -19.09
CA TYR A 73 -2.11 15.56 -19.93
C TYR A 73 -3.20 15.99 -20.92
N GLU A 74 -4.18 16.73 -20.43
CA GLU A 74 -5.28 17.17 -21.29
C GLU A 74 -4.83 18.20 -22.32
N ALA A 75 -3.70 18.85 -22.05
CA ALA A 75 -3.18 19.86 -22.97
C ALA A 75 -2.58 19.23 -24.22
N ASN A 76 -2.28 17.95 -24.12
CA ASN A 76 -1.76 17.16 -25.23
C ASN A 76 -1.84 15.66 -24.88
N PRO A 77 -3.04 15.07 -24.99
CA PRO A 77 -3.17 13.64 -24.67
C PRO A 77 -2.24 12.94 -25.66
N PRO A 78 -1.19 12.28 -25.15
CA PRO A 78 -0.22 11.60 -26.01
C PRO A 78 -0.62 10.25 -26.60
N PRO A 86 -3.51 1.77 -22.87
CA PRO A 86 -3.80 3.22 -23.06
C PRO A 86 -4.08 3.86 -21.69
N LEU A 87 -3.18 4.76 -21.28
CA LEU A 87 -3.20 5.38 -19.95
C LEU A 87 -3.90 6.71 -19.65
N LYS A 88 -5.06 6.62 -19.01
CA LYS A 88 -5.80 7.83 -18.65
C LYS A 88 -5.52 8.20 -17.20
N PRO A 89 -5.77 9.48 -16.84
CA PRO A 89 -5.53 9.91 -15.46
C PRO A 89 -6.41 9.17 -14.46
N TYR A 90 -5.82 8.84 -13.31
CA TYR A 90 -6.59 8.22 -12.24
C TYR A 90 -5.83 8.44 -10.93
N GLU A 91 -6.57 8.35 -9.83
CA GLU A 91 -5.99 8.57 -8.53
C GLU A 91 -5.66 7.27 -7.79
N GLY A 92 -4.56 7.28 -7.03
CA GLY A 92 -4.21 6.08 -6.30
C GLY A 92 -4.76 6.24 -4.89
N ASP A 93 -4.34 5.36 -4.00
CA ASP A 93 -4.79 5.46 -2.61
C ASP A 93 -3.89 6.49 -1.91
N MET A 94 -4.47 7.21 -0.95
CA MET A 94 -3.71 8.17 -0.16
C MET A 94 -2.81 7.35 0.78
N PRO A 95 -1.70 7.95 1.25
CA PRO A 95 -0.77 7.24 2.15
C PRO A 95 -1.25 7.22 3.61
N PHE A 96 -2.55 7.38 3.80
CA PHE A 96 -3.14 7.36 5.15
C PHE A 96 -4.54 6.79 5.05
N PHE A 97 -5.02 6.22 6.14
CA PHE A 97 -6.35 5.66 6.12
C PHE A 97 -6.99 5.69 7.49
N ASP A 98 -8.25 6.11 7.54
CA ASP A 98 -9.00 6.14 8.78
C ASP A 98 -9.30 4.68 9.13
N ASN A 99 -8.99 4.27 10.36
CA ASN A 99 -9.21 2.88 10.73
C ASN A 99 -10.62 2.56 11.20
N GLY A 100 -11.51 3.55 11.19
CA GLY A 100 -12.88 3.32 11.61
C GLY A 100 -13.05 3.21 13.12
N ASP A 101 -11.96 3.42 13.86
CA ASP A 101 -11.99 3.35 15.31
C ASP A 101 -11.50 4.63 15.97
N GLY A 102 -11.61 5.75 15.27
CA GLY A 102 -11.17 7.01 15.84
C GLY A 102 -9.67 7.26 15.69
N THR A 103 -9.00 6.47 14.85
CA THR A 103 -7.58 6.67 14.61
C THR A 103 -7.34 6.64 13.10
N THR A 104 -6.19 7.17 12.70
CA THR A 104 -5.83 7.18 11.29
C THR A 104 -4.39 6.72 11.24
N THR A 105 -4.07 5.84 10.30
CA THR A 105 -2.71 5.34 10.18
C THR A 105 -2.04 6.03 8.98
N PHE A 106 -0.84 6.53 9.19
CA PHE A 106 -0.10 7.19 8.13
C PHE A 106 1.10 6.30 7.80
N LYS A 107 1.39 6.14 6.52
CA LYS A 107 2.51 5.31 6.09
C LYS A 107 3.70 6.14 5.67
N PHE A 108 4.79 6.02 6.40
CA PHE A 108 6.00 6.76 6.13
C PHE A 108 7.07 5.80 5.66
N LYS A 109 7.88 6.24 4.70
CA LYS A 109 8.98 5.39 4.24
C LYS A 109 10.02 6.22 3.49
N CYS A 110 11.24 5.72 3.42
CA CYS A 110 12.27 6.38 2.64
C CYS A 110 13.34 5.33 2.32
N TYR A 111 14.08 5.55 1.24
CA TYR A 111 15.12 4.58 0.91
C TYR A 111 16.30 4.72 1.85
N ALA A 112 17.04 3.62 2.03
CA ALA A 112 18.20 3.59 2.90
C ALA A 112 19.50 3.92 2.16
N SER A 113 19.41 4.21 0.88
CA SER A 113 20.58 4.59 0.12
C SER A 113 20.17 5.49 -1.02
N PHE A 114 21.14 6.25 -1.53
CA PHE A 114 20.85 7.14 -2.63
C PHE A 114 22.12 7.40 -3.42
N GLN A 115 21.98 7.83 -4.67
CA GLN A 115 23.15 8.16 -5.45
C GLN A 115 23.31 9.67 -5.38
N ASP A 116 24.45 10.11 -4.88
CA ASP A 116 24.71 11.53 -4.74
C ASP A 116 24.67 12.26 -6.08
N LYS A 117 24.05 13.44 -6.06
CA LYS A 117 23.87 14.26 -7.25
C LYS A 117 25.17 14.88 -7.75
N LYS A 118 25.94 15.43 -6.83
CA LYS A 118 27.21 16.08 -7.16
C LYS A 118 28.30 15.08 -7.56
N THR A 119 28.44 14.04 -6.74
CA THR A 119 29.49 13.06 -6.91
C THR A 119 29.18 11.69 -7.52
N LYS A 120 27.90 11.37 -7.66
CA LYS A 120 27.46 10.09 -8.21
C LYS A 120 27.80 8.86 -7.36
N GLU A 121 28.28 9.09 -6.14
CA GLU A 121 28.59 7.99 -5.21
C GLU A 121 27.30 7.47 -4.58
N THR A 122 27.18 6.15 -4.48
CA THR A 122 26.01 5.55 -3.85
C THR A 122 26.36 5.54 -2.36
N LYS A 123 25.52 6.16 -1.55
CA LYS A 123 25.79 6.24 -0.12
C LYS A 123 24.64 5.65 0.70
N HIS A 124 24.94 5.24 1.91
CA HIS A 124 23.91 4.68 2.77
C HIS A 124 23.41 5.84 3.65
N ILE A 125 22.14 5.81 3.98
CA ILE A 125 21.53 6.85 4.79
C ILE A 125 21.23 6.31 6.18
N ASN A 126 21.72 6.99 7.22
CA ASN A 126 21.38 6.55 8.56
C ASN A 126 20.25 7.49 8.99
N LEU A 127 19.16 6.89 9.43
CA LEU A 127 17.99 7.64 9.83
C LEU A 127 18.15 8.20 11.25
N VAL A 128 18.11 9.52 11.40
CA VAL A 128 18.26 10.14 12.71
C VAL A 128 17.06 9.89 13.61
N VAL A 129 17.31 9.38 14.81
CA VAL A 129 16.25 9.15 15.80
C VAL A 129 16.66 9.96 17.04
N VAL A 130 15.68 10.68 17.56
CA VAL A 130 15.87 11.59 18.70
C VAL A 130 14.99 11.12 19.88
N ASP A 131 15.37 11.42 21.13
CA ASP A 131 14.50 11.01 22.23
C ASP A 131 13.45 12.10 22.43
N SER A 132 12.64 11.97 23.48
CA SER A 132 11.56 12.92 23.69
C SER A 132 11.99 14.37 23.94
N LYS A 133 13.24 14.57 24.36
CA LYS A 133 13.71 15.93 24.59
C LYS A 133 14.60 16.41 23.45
N GLY A 134 14.59 15.70 22.32
CA GLY A 134 15.40 16.13 21.19
C GLY A 134 16.84 15.64 21.16
N LYS A 135 17.21 14.77 22.09
CA LYS A 135 18.59 14.28 22.14
C LYS A 135 18.77 13.19 21.07
N LYS A 136 19.75 13.38 20.20
CA LYS A 136 20.00 12.36 19.18
C LYS A 136 20.41 11.06 19.90
N MET A 137 19.83 9.95 19.48
CA MET A 137 20.17 8.67 20.09
C MET A 137 21.23 8.04 19.21
N GLU A 138 22.41 7.79 19.79
CA GLU A 138 23.47 7.23 18.98
C GLU A 138 23.28 5.75 18.68
N ASP A 139 22.78 5.00 19.66
CA ASP A 139 22.52 3.58 19.48
C ASP A 139 21.00 3.43 19.56
N VAL A 140 20.38 3.38 18.39
CA VAL A 140 18.93 3.30 18.29
C VAL A 140 18.29 1.98 18.66
N PRO A 141 17.36 2.01 19.62
CA PRO A 141 16.73 0.75 19.98
C PRO A 141 15.75 0.28 18.90
N ILE A 142 15.52 -1.02 18.83
CA ILE A 142 14.57 -1.55 17.87
C ILE A 142 13.23 -1.02 18.38
N ILE A 143 12.49 -0.34 17.50
CA ILE A 143 11.21 0.27 17.86
C ILE A 143 10.04 -0.68 17.61
N GLY A 144 9.52 -1.26 18.69
CA GLY A 144 8.44 -2.20 18.56
C GLY A 144 7.06 -1.60 18.51
N GLY A 145 6.10 -2.43 18.09
CA GLY A 145 4.72 -1.99 18.01
C GLY A 145 4.27 -1.46 19.35
N GLY A 146 3.47 -0.41 19.34
CA GLY A 146 3.01 0.15 20.60
C GLY A 146 3.87 1.33 21.06
N SER A 147 5.03 1.51 20.44
CA SER A 147 5.93 2.62 20.77
C SER A 147 5.29 3.95 20.40
N LYS A 148 5.49 4.96 21.22
CA LYS A 148 4.96 6.28 20.92
C LYS A 148 6.04 7.09 20.21
N LEU A 149 5.70 7.65 19.06
CA LEU A 149 6.62 8.42 18.24
C LEU A 149 6.01 9.63 17.57
N LYS A 150 6.88 10.48 17.05
CA LYS A 150 6.48 11.57 16.19
C LYS A 150 7.48 11.38 15.07
N VAL A 151 7.09 11.79 13.87
CA VAL A 151 7.96 11.67 12.74
C VAL A 151 8.00 12.96 11.94
N LYS A 152 9.14 13.18 11.29
CA LYS A 152 9.31 14.31 10.39
C LYS A 152 9.33 13.70 8.99
N TYR A 153 8.72 14.42 8.05
CA TYR A 153 8.58 13.92 6.69
C TYR A 153 8.38 15.03 5.69
N SER A 154 8.59 14.69 4.42
CA SER A 154 8.37 15.61 3.32
C SER A 154 7.30 14.96 2.45
N LEU A 155 6.63 15.74 1.62
CA LEU A 155 5.57 15.21 0.76
C LEU A 155 6.06 15.10 -0.67
N VAL A 156 5.97 13.91 -1.23
CA VAL A 156 6.45 13.70 -2.60
C VAL A 156 5.30 13.24 -3.48
N PRO A 157 4.69 14.17 -4.22
CA PRO A 157 3.59 13.75 -5.09
C PRO A 157 4.11 13.06 -6.35
N TYR A 158 3.31 12.18 -6.89
CA TYR A 158 3.70 11.51 -8.11
C TYR A 158 2.48 11.29 -8.99
N LYS A 159 2.75 11.27 -10.27
CA LYS A 159 1.75 11.10 -11.30
C LYS A 159 1.29 9.65 -11.37
N TRP A 160 0.15 9.43 -12.03
CA TRP A 160 -0.33 8.07 -12.19
C TRP A 160 0.60 7.40 -13.20
N ASN A 161 0.59 6.08 -13.23
CA ASN A 161 1.43 5.32 -14.16
C ASN A 161 0.76 3.96 -14.32
N THR A 162 1.37 3.05 -15.09
CA THR A 162 0.77 1.74 -15.33
C THR A 162 0.54 0.96 -14.05
N ALA A 163 1.38 1.21 -13.06
CA ALA A 163 1.29 0.47 -11.82
C ALA A 163 0.31 0.99 -10.79
N VAL A 164 0.30 2.30 -10.65
CA VAL A 164 -0.46 2.89 -9.58
C VAL A 164 -1.03 4.27 -9.96
N GLY A 165 -2.10 4.69 -9.32
CA GLY A 165 -2.72 5.99 -9.62
C GLY A 165 -1.98 7.13 -8.94
N ALA A 166 -2.24 8.37 -9.34
CA ALA A 166 -1.57 9.51 -8.72
C ALA A 166 -1.82 9.59 -7.23
N SER A 167 -0.75 9.85 -6.48
CA SER A 167 -0.88 10.00 -5.04
C SER A 167 0.30 10.78 -4.46
N VAL A 168 0.57 10.59 -3.18
CA VAL A 168 1.66 11.30 -2.49
C VAL A 168 2.42 10.33 -1.59
N LYS A 169 3.76 10.39 -1.63
CA LYS A 169 4.59 9.57 -0.74
C LYS A 169 4.90 10.42 0.48
N LEU A 170 4.86 9.84 1.68
CA LEU A 170 5.20 10.56 2.91
C LEU A 170 6.64 10.12 3.12
N GLN A 171 7.58 10.93 2.68
CA GLN A 171 8.98 10.57 2.76
C GLN A 171 9.51 10.76 4.16
N LEU A 172 9.87 9.67 4.81
CA LEU A 172 10.38 9.73 6.18
C LEU A 172 11.69 10.52 6.23
N GLU A 173 11.79 11.46 7.16
CA GLU A 173 13.00 12.28 7.29
C GLU A 173 13.73 11.99 8.58
N SER A 174 13.00 11.88 9.70
CA SER A 174 13.63 11.55 10.98
C SER A 174 12.53 11.16 11.96
N VAL A 175 12.92 10.62 13.10
CA VAL A 175 11.96 10.12 14.08
C VAL A 175 12.29 10.55 15.50
N MET A 176 11.25 10.80 16.29
CA MET A 176 11.44 11.12 17.69
C MET A 176 10.79 9.97 18.44
N LEU A 177 11.59 9.26 19.24
CA LEU A 177 11.08 8.16 20.02
C LEU A 177 10.62 8.81 21.34
N VAL A 178 9.32 8.82 21.57
CA VAL A 178 8.79 9.44 22.78
C VAL A 178 8.70 8.40 23.89
N GLU A 179 8.25 7.19 23.54
CA GLU A 179 8.13 6.11 24.51
C GLU A 179 8.29 4.76 23.82
N LEU A 180 9.29 3.98 24.25
CA LEU A 180 9.56 2.67 23.67
C LEU A 180 8.66 1.60 24.28
N ALA A 181 8.07 0.75 23.45
CA ALA A 181 7.19 -0.31 23.98
C ALA A 181 8.01 -1.55 24.38
N THR A 182 7.56 -2.29 25.39
CA THR A 182 8.30 -3.49 25.76
C THR A 182 8.27 -4.44 24.56
N ASP A 189 5.47 -13.72 19.45
CA ASP A 189 5.87 -14.91 20.25
C ASP A 189 6.32 -16.15 19.46
N TRP A 190 5.43 -16.67 18.64
CA TRP A 190 5.67 -17.88 17.85
C TRP A 190 6.39 -17.80 16.49
N ALA A 191 6.68 -16.60 16.00
CA ALA A 191 7.36 -16.47 14.71
C ALA A 191 8.55 -17.43 14.53
N ASP A 192 9.40 -17.49 15.56
CA ASP A 192 10.61 -18.32 15.59
C ASP A 192 10.42 -19.83 15.53
N GLU A 193 9.33 -20.30 16.11
CA GLU A 193 9.08 -21.73 16.20
C GLU A 193 7.98 -22.24 15.28
N VAL A 194 8.01 -21.81 14.02
CA VAL A 194 6.98 -22.23 13.08
C VAL A 194 7.08 -23.69 12.60
N GLU A 195 5.89 -24.22 12.32
CA GLU A 195 5.56 -25.58 11.86
C GLU A 195 6.06 -26.83 12.58
N GLU A 196 7.05 -27.57 12.07
CA GLU A 196 7.42 -28.81 12.77
C GLU A 196 8.64 -28.82 13.71
N ASN A 197 9.21 -30.02 13.87
CA ASN A 197 10.38 -30.25 14.73
C ASN A 197 10.08 -29.99 16.21
N ALA B 2 -3.06 -12.73 -24.93
CA ALA B 2 -4.09 -13.49 -24.16
C ALA B 2 -3.66 -13.61 -22.70
N LYS B 3 -4.63 -13.77 -21.81
CA LYS B 3 -4.38 -13.85 -20.37
C LYS B 3 -4.71 -15.21 -19.71
N LYS B 4 -3.81 -15.70 -18.87
CA LYS B 4 -4.05 -16.95 -18.15
C LYS B 4 -4.67 -16.52 -16.83
N ILE B 5 -5.70 -17.23 -16.41
CA ILE B 5 -6.39 -16.92 -15.17
C ILE B 5 -5.82 -17.69 -13.99
N PHE B 6 -5.55 -17.00 -12.89
CA PHE B 6 -5.07 -17.66 -11.67
C PHE B 6 -6.20 -17.49 -10.66
N THR B 7 -6.23 -18.33 -9.64
CA THR B 7 -7.28 -18.22 -8.64
C THR B 7 -6.57 -18.18 -7.31
N SER B 8 -7.01 -17.29 -6.43
CA SER B 8 -6.37 -17.16 -5.12
C SER B 8 -6.91 -18.19 -4.14
N ALA B 9 -6.21 -18.29 -3.03
CA ALA B 9 -6.65 -19.12 -1.93
C ALA B 9 -7.79 -18.31 -1.30
N LEU B 10 -8.56 -18.95 -0.44
CA LEU B 10 -9.62 -18.27 0.28
C LEU B 10 -8.88 -17.31 1.23
N GLY B 11 -9.33 -16.07 1.29
CA GLY B 11 -8.69 -15.08 2.14
C GLY B 11 -9.71 -14.12 2.73
N THR B 12 -9.23 -13.17 3.51
CA THR B 12 -10.05 -12.19 4.19
C THR B 12 -9.82 -10.80 3.59
N ALA B 13 -10.91 -10.16 3.20
CA ALA B 13 -10.82 -8.83 2.63
C ALA B 13 -10.42 -7.80 3.69
N GLU B 14 -9.47 -6.97 3.33
CA GLU B 14 -9.06 -5.90 4.21
C GLU B 14 -10.14 -4.81 4.03
N PRO B 15 -10.19 -3.83 4.95
CA PRO B 15 -11.17 -2.75 4.83
C PRO B 15 -10.87 -1.94 3.56
N TYR B 16 -11.85 -1.15 3.15
CA TYR B 16 -11.74 -0.29 1.99
C TYR B 16 -11.73 -1.04 0.68
N ALA B 17 -12.48 -2.14 0.62
CA ALA B 17 -12.53 -2.87 -0.65
C ALA B 17 -13.50 -2.12 -1.57
N TYR B 18 -13.26 -2.22 -2.88
CA TYR B 18 -14.14 -1.64 -3.89
C TYR B 18 -14.40 -2.76 -4.89
N ILE B 19 -15.42 -3.56 -4.58
CA ILE B 19 -15.77 -4.71 -5.39
C ILE B 19 -17.16 -4.59 -6.01
N ALA B 20 -18.13 -4.20 -5.18
CA ALA B 20 -19.51 -3.99 -5.63
C ALA B 20 -19.58 -2.71 -6.45
N LYS B 21 -18.62 -1.82 -6.22
CA LYS B 21 -18.52 -0.54 -6.94
C LYS B 21 -17.06 -0.14 -6.93
N PRO B 22 -16.63 0.59 -7.95
CA PRO B 22 -15.23 1.01 -8.02
C PRO B 22 -14.94 2.25 -7.18
N ASP B 23 -13.66 2.53 -6.98
CA ASP B 23 -13.21 3.70 -6.24
C ASP B 23 -12.97 4.74 -7.33
N TYR B 24 -13.68 5.86 -7.29
CA TYR B 24 -13.50 6.91 -8.30
C TYR B 24 -12.59 8.05 -7.83
N PRO B 34 -11.80 11.21 -12.66
CA PRO B 34 -10.75 10.16 -12.76
C PRO B 34 -11.35 8.78 -13.07
N ARG B 35 -10.53 7.95 -13.71
CA ARG B 35 -10.93 6.60 -14.10
C ARG B 35 -11.12 5.77 -12.83
N GLY B 36 -12.21 5.02 -12.78
CA GLY B 36 -12.49 4.19 -11.62
C GLY B 36 -11.63 2.96 -11.49
N VAL B 37 -11.48 2.47 -10.27
CA VAL B 37 -10.66 1.28 -10.06
C VAL B 37 -11.33 0.35 -9.05
N TYR B 38 -11.49 -0.92 -9.41
CA TYR B 38 -12.03 -1.88 -8.46
C TYR B 38 -10.80 -2.38 -7.71
N LYS B 39 -10.94 -2.70 -6.44
CA LYS B 39 -9.77 -3.19 -5.74
C LYS B 39 -10.09 -3.85 -4.44
N VAL B 40 -9.23 -4.78 -4.06
CA VAL B 40 -9.38 -5.47 -2.79
C VAL B 40 -7.99 -5.98 -2.39
N ASP B 41 -7.69 -5.89 -1.09
CA ASP B 41 -6.44 -6.41 -0.54
C ASP B 41 -6.94 -7.66 0.17
N LEU B 42 -6.42 -8.80 -0.24
CA LEU B 42 -6.85 -10.07 0.30
C LEU B 42 -5.75 -10.68 1.15
N THR B 43 -6.09 -10.94 2.42
CA THR B 43 -5.14 -11.49 3.38
C THR B 43 -5.37 -12.98 3.58
N ILE B 44 -4.35 -13.74 3.21
CA ILE B 44 -4.41 -15.20 3.24
C ILE B 44 -3.48 -15.80 4.28
N PRO B 45 -3.95 -16.83 5.02
CA PRO B 45 -3.10 -17.47 6.04
C PRO B 45 -1.94 -18.14 5.36
N ASN B 46 -0.73 -17.94 5.87
CA ASN B 46 0.43 -18.59 5.27
C ASN B 46 0.32 -20.12 5.37
N LYS B 47 -0.53 -20.61 6.26
CA LYS B 47 -0.70 -22.06 6.41
C LYS B 47 -1.23 -22.65 5.10
N ASP B 48 -2.04 -21.88 4.37
CA ASP B 48 -2.58 -22.37 3.11
C ASP B 48 -1.46 -22.48 2.05
N PRO B 49 -1.15 -23.70 1.60
CA PRO B 49 -0.08 -23.90 0.59
C PRO B 49 -0.31 -23.14 -0.69
N ARG B 50 -1.58 -22.83 -0.96
CA ARG B 50 -1.93 -22.08 -2.15
C ARG B 50 -1.31 -20.69 -2.00
N CYS B 51 -1.18 -20.23 -0.75
CA CYS B 51 -0.58 -18.92 -0.52
C CYS B 51 0.84 -18.86 -1.12
N GLN B 52 1.69 -19.84 -0.80
CA GLN B 52 3.06 -19.85 -1.33
C GLN B 52 3.11 -19.99 -2.86
N ARG B 53 2.19 -20.76 -3.41
CA ARG B 53 2.15 -20.96 -4.86
C ARG B 53 1.77 -19.63 -5.56
N MET B 54 0.85 -18.88 -4.96
CA MET B 54 0.47 -17.59 -5.56
C MET B 54 1.73 -16.72 -5.63
N VAL B 55 2.49 -16.71 -4.55
CA VAL B 55 3.72 -15.93 -4.49
C VAL B 55 4.73 -16.41 -5.55
N ASP B 56 4.93 -17.73 -5.63
CA ASP B 56 5.85 -18.27 -6.61
C ASP B 56 5.52 -17.83 -8.04
N GLU B 57 4.24 -17.91 -8.40
CA GLU B 57 3.79 -17.53 -9.75
C GLU B 57 4.07 -16.07 -10.06
N ILE B 58 3.84 -15.23 -9.07
CA ILE B 58 4.06 -13.80 -9.23
C ILE B 58 5.55 -13.52 -9.37
N VAL B 59 6.37 -14.16 -8.54
CA VAL B 59 7.81 -13.94 -8.61
C VAL B 59 8.36 -14.41 -9.96
N LYS B 60 7.93 -15.60 -10.41
CA LYS B 60 8.39 -16.13 -11.69
C LYS B 60 8.07 -15.14 -12.81
N CYS B 61 6.83 -14.70 -12.83
CA CYS B 61 6.35 -13.73 -13.82
C CYS B 61 7.25 -12.49 -13.88
N HIS B 62 7.51 -11.94 -12.70
CA HIS B 62 8.36 -10.76 -12.55
C HIS B 62 9.80 -10.96 -13.05
N GLU B 63 10.44 -12.01 -12.57
CA GLU B 63 11.82 -12.24 -12.95
C GLU B 63 11.96 -12.47 -14.45
N GLU B 64 11.01 -13.19 -15.05
CA GLU B 64 11.06 -13.41 -16.47
C GLU B 64 10.82 -12.10 -17.21
N ALA B 65 9.73 -11.42 -16.86
CA ALA B 65 9.40 -10.17 -17.53
C ALA B 65 10.43 -9.06 -17.34
N TYR B 66 10.96 -8.92 -16.14
CA TYR B 66 11.95 -7.88 -15.87
C TYR B 66 13.21 -8.19 -16.68
N ALA B 67 13.55 -9.47 -16.74
CA ALA B 67 14.70 -9.93 -17.50
C ALA B 67 14.56 -9.43 -18.94
N ALA B 68 13.40 -9.69 -19.54
CA ALA B 68 13.12 -9.27 -20.91
C ALA B 68 13.12 -7.75 -21.06
N ALA B 69 12.54 -7.07 -20.07
CA ALA B 69 12.46 -5.62 -20.09
C ALA B 69 13.85 -5.00 -20.14
N VAL B 70 14.77 -5.54 -19.36
CA VAL B 70 16.12 -5.03 -19.36
C VAL B 70 16.79 -5.45 -20.67
N GLU B 71 16.41 -6.61 -21.17
CA GLU B 71 16.96 -7.14 -22.43
C GLU B 71 16.49 -6.43 -23.70
N GLU B 72 15.92 -5.25 -23.56
CA GLU B 72 15.51 -4.50 -24.73
C GLU B 72 15.69 -3.02 -24.41
N TYR B 73 15.80 -2.72 -23.12
CA TYR B 73 16.06 -1.36 -22.71
C TYR B 73 17.45 -1.17 -23.27
N GLU B 74 18.31 -2.14 -22.99
CA GLU B 74 19.69 -2.14 -23.42
C GLU B 74 19.91 -2.28 -24.93
N ALA B 75 18.93 -2.81 -25.65
CA ALA B 75 19.07 -2.97 -27.10
C ALA B 75 18.22 -2.02 -27.95
N ASN B 76 17.84 -0.89 -27.38
CA ASN B 76 17.06 0.17 -28.02
C ASN B 76 16.47 1.03 -26.92
N PRO B 77 17.33 1.80 -26.25
CA PRO B 77 17.00 2.70 -25.14
C PRO B 77 16.42 4.03 -25.57
N PRO B 78 16.09 4.88 -24.60
CA PRO B 78 15.53 6.20 -24.89
C PRO B 78 16.54 7.25 -24.42
N PRO B 89 16.72 1.21 -15.36
CA PRO B 89 15.84 0.09 -14.98
C PRO B 89 16.04 -0.29 -13.54
N TYR B 90 14.94 -0.51 -12.82
CA TYR B 90 15.03 -0.94 -11.44
C TYR B 90 13.76 -1.70 -11.11
N GLU B 91 13.84 -2.52 -10.07
CA GLU B 91 12.71 -3.31 -9.63
C GLU B 91 11.90 -2.58 -8.58
N GLY B 92 10.60 -2.88 -8.53
CA GLY B 92 9.70 -2.24 -7.57
C GLY B 92 9.26 -3.23 -6.50
N ASP B 93 8.22 -2.89 -5.76
CA ASP B 93 7.71 -3.77 -4.71
C ASP B 93 6.71 -4.76 -5.28
N MET B 94 6.73 -5.97 -4.75
CA MET B 94 5.80 -7.01 -5.21
C MET B 94 4.40 -6.60 -4.77
N PRO B 95 3.36 -7.14 -5.44
CA PRO B 95 1.99 -6.79 -5.06
C PRO B 95 1.50 -7.61 -3.88
N PHE B 96 2.43 -8.19 -3.13
CA PHE B 96 2.05 -9.00 -1.97
C PHE B 96 3.08 -8.74 -0.89
N PHE B 97 2.72 -9.05 0.36
CA PHE B 97 3.68 -8.88 1.44
C PHE B 97 3.26 -9.68 2.65
N ASP B 98 4.23 -10.35 3.24
CA ASP B 98 3.99 -11.13 4.45
C ASP B 98 3.83 -10.12 5.58
N ASN B 99 2.76 -10.26 6.36
CA ASN B 99 2.48 -9.34 7.44
C ASN B 99 3.24 -9.64 8.74
N GLY B 100 3.98 -10.75 8.76
CA GLY B 100 4.74 -11.12 9.96
C GLY B 100 3.86 -11.66 11.08
N ASP B 101 2.59 -11.93 10.77
CA ASP B 101 1.68 -12.46 11.78
C ASP B 101 1.08 -13.75 11.28
N GLY B 102 1.79 -14.40 10.37
CA GLY B 102 1.31 -15.66 9.82
C GLY B 102 0.37 -15.52 8.64
N THR B 103 0.28 -14.32 8.07
CA THR B 103 -0.59 -14.06 6.92
C THR B 103 0.14 -13.24 5.88
N THR B 104 -0.33 -13.31 4.65
CA THR B 104 0.25 -12.55 3.54
C THR B 104 -0.92 -11.83 2.87
N THR B 105 -0.73 -10.55 2.52
CA THR B 105 -1.76 -9.77 1.87
C THR B 105 -1.41 -9.58 0.41
N PHE B 106 -2.39 -9.74 -0.49
CA PHE B 106 -2.17 -9.58 -1.92
C PHE B 106 -3.08 -8.44 -2.39
N LYS B 107 -2.53 -7.60 -3.27
CA LYS B 107 -3.28 -6.44 -3.77
C LYS B 107 -3.78 -6.67 -5.19
N PHE B 108 -5.11 -6.69 -5.34
CA PHE B 108 -5.76 -6.91 -6.62
C PHE B 108 -6.43 -5.61 -7.04
N LYS B 109 -6.40 -5.31 -8.34
CA LYS B 109 -6.97 -4.03 -8.84
C LYS B 109 -7.32 -4.27 -10.32
N CYS B 110 -8.27 -3.50 -10.85
CA CYS B 110 -8.56 -3.48 -12.28
C CYS B 110 -9.37 -2.20 -12.57
N TYR B 111 -9.29 -1.69 -13.78
CA TYR B 111 -10.04 -0.49 -14.11
C TYR B 111 -11.54 -0.74 -14.25
N ALA B 112 -12.33 0.29 -14.05
CA ALA B 112 -13.78 0.19 -14.13
C ALA B 112 -14.28 0.59 -15.52
N SER B 113 -13.37 1.02 -16.40
CA SER B 113 -13.78 1.40 -17.74
C SER B 113 -12.64 1.23 -18.72
N PHE B 114 -12.98 1.29 -20.01
CA PHE B 114 -11.98 1.15 -21.07
C PHE B 114 -12.47 1.87 -22.32
N GLN B 115 -11.56 2.08 -23.28
CA GLN B 115 -11.91 2.73 -24.54
C GLN B 115 -12.32 1.71 -25.59
N ASP B 116 -13.50 1.89 -26.18
CA ASP B 116 -13.95 1.01 -27.25
C ASP B 116 -12.92 1.42 -28.29
N LYS B 117 -11.99 0.54 -28.66
CA LYS B 117 -10.97 0.95 -29.63
C LYS B 117 -11.39 0.72 -31.07
N LYS B 118 -12.63 0.29 -31.24
CA LYS B 118 -13.20 0.11 -32.56
C LYS B 118 -13.92 1.45 -32.72
N THR B 119 -15.05 1.55 -32.03
CA THR B 119 -15.91 2.75 -32.01
C THR B 119 -15.66 3.63 -30.77
N LYS B 120 -14.58 4.40 -30.83
CA LYS B 120 -14.11 5.37 -29.82
C LYS B 120 -14.61 5.54 -28.36
N GLU B 121 -15.88 5.29 -28.09
CA GLU B 121 -16.43 5.54 -26.75
C GLU B 121 -15.85 4.86 -25.51
N THR B 122 -16.01 5.52 -24.37
CA THR B 122 -15.56 4.98 -23.09
C THR B 122 -16.70 4.09 -22.58
N LYS B 123 -16.37 2.89 -22.13
CA LYS B 123 -17.41 2.00 -21.63
C LYS B 123 -17.12 1.56 -20.22
N HIS B 124 -18.17 1.43 -19.42
CA HIS B 124 -18.03 0.99 -18.04
C HIS B 124 -18.06 -0.54 -18.00
N ILE B 125 -17.16 -1.11 -17.21
CA ILE B 125 -17.04 -2.55 -17.02
C ILE B 125 -17.49 -2.85 -15.59
N ASN B 126 -18.41 -3.78 -15.38
CA ASN B 126 -18.72 -4.10 -14.00
C ASN B 126 -17.93 -5.37 -13.69
N LEU B 127 -17.40 -5.44 -12.48
CA LEU B 127 -16.62 -6.58 -12.05
C LEU B 127 -17.58 -7.73 -11.72
N VAL B 128 -17.36 -8.87 -12.35
CA VAL B 128 -18.23 -10.01 -12.08
C VAL B 128 -17.97 -10.55 -10.66
N VAL B 129 -19.05 -10.70 -9.89
CA VAL B 129 -18.96 -11.25 -8.54
C VAL B 129 -19.98 -12.38 -8.48
N VAL B 130 -19.50 -13.52 -7.99
CA VAL B 130 -20.24 -14.74 -7.91
C VAL B 130 -20.43 -15.13 -6.42
N ASP B 131 -21.52 -15.83 -6.09
CA ASP B 131 -21.67 -16.25 -4.69
C ASP B 131 -20.90 -17.55 -4.48
N SER B 132 -21.02 -18.16 -3.32
CA SER B 132 -20.27 -19.38 -3.01
C SER B 132 -20.65 -20.57 -3.90
N LYS B 133 -21.80 -20.49 -4.55
CA LYS B 133 -22.25 -21.56 -5.43
C LYS B 133 -21.85 -21.29 -6.89
N GLY B 134 -21.21 -20.16 -7.13
CA GLY B 134 -20.80 -19.85 -8.48
C GLY B 134 -21.82 -19.03 -9.26
N LYS B 135 -22.90 -18.63 -8.60
CA LYS B 135 -23.96 -17.83 -9.22
C LYS B 135 -23.61 -16.33 -9.34
N LYS B 136 -23.59 -15.81 -10.56
CA LYS B 136 -23.28 -14.41 -10.76
C LYS B 136 -24.38 -13.56 -10.14
N MET B 137 -24.01 -12.53 -9.40
CA MET B 137 -25.00 -11.66 -8.78
C MET B 137 -25.12 -10.34 -9.56
N GLU B 138 -26.36 -9.89 -9.75
CA GLU B 138 -26.61 -8.64 -10.45
C GLU B 138 -26.43 -7.48 -9.47
N ASP B 139 -27.08 -7.60 -8.30
CA ASP B 139 -26.98 -6.60 -7.24
C ASP B 139 -25.98 -7.15 -6.21
N VAL B 140 -24.74 -6.72 -6.32
CA VAL B 140 -23.65 -7.18 -5.46
C VAL B 140 -23.57 -6.55 -4.07
N PRO B 141 -23.49 -7.38 -3.01
CA PRO B 141 -23.40 -6.85 -1.65
C PRO B 141 -22.15 -6.01 -1.47
N ILE B 142 -22.21 -4.95 -0.66
CA ILE B 142 -21.02 -4.16 -0.40
C ILE B 142 -20.19 -5.11 0.48
N ILE B 143 -18.91 -5.24 0.15
CA ILE B 143 -18.03 -6.18 0.86
C ILE B 143 -17.20 -5.49 1.96
N GLY B 144 -17.62 -5.66 3.22
CA GLY B 144 -16.91 -5.04 4.32
C GLY B 144 -15.66 -5.81 4.75
N GLY B 145 -14.80 -5.14 5.48
CA GLY B 145 -13.58 -5.79 5.96
C GLY B 145 -13.93 -7.02 6.75
N GLY B 146 -13.15 -8.09 6.59
CA GLY B 146 -13.45 -9.32 7.31
C GLY B 146 -14.19 -10.34 6.46
N SER B 147 -14.74 -9.90 5.33
CA SER B 147 -15.45 -10.83 4.41
C SER B 147 -14.46 -11.86 3.84
N LYS B 148 -14.92 -13.09 3.60
CA LYS B 148 -14.05 -14.10 3.03
C LYS B 148 -14.34 -14.19 1.53
N LEU B 149 -13.28 -14.17 0.74
CA LEU B 149 -13.41 -14.19 -0.72
C LEU B 149 -12.33 -15.01 -1.37
N LYS B 150 -12.57 -15.29 -2.65
CA LYS B 150 -11.59 -15.94 -3.48
C LYS B 150 -11.65 -15.03 -4.69
N VAL B 151 -10.52 -14.87 -5.35
CA VAL B 151 -10.45 -13.98 -6.48
C VAL B 151 -9.77 -14.64 -7.68
N LYS B 152 -10.25 -14.34 -8.88
CA LYS B 152 -9.56 -14.84 -10.08
C LYS B 152 -8.86 -13.62 -10.67
N TYR B 153 -7.65 -13.83 -11.16
CA TYR B 153 -6.88 -12.71 -11.68
C TYR B 153 -5.88 -13.10 -12.75
N SER B 154 -5.28 -12.09 -13.35
CA SER B 154 -4.24 -12.24 -14.37
C SER B 154 -3.00 -11.53 -13.84
N LEU B 155 -1.83 -11.95 -14.33
CA LEU B 155 -0.59 -11.34 -13.90
C LEU B 155 -0.21 -10.37 -15.00
N VAL B 156 -0.04 -9.10 -14.65
CA VAL B 156 0.31 -8.09 -15.64
C VAL B 156 1.63 -7.41 -15.24
N PRO B 157 2.75 -7.89 -15.78
CA PRO B 157 4.07 -7.33 -15.49
C PRO B 157 4.09 -5.92 -16.05
N TYR B 158 4.77 -5.00 -15.36
CA TYR B 158 4.85 -3.64 -15.86
C TYR B 158 6.28 -3.12 -15.66
N LYS B 159 6.66 -2.18 -16.51
CA LYS B 159 8.00 -1.61 -16.44
C LYS B 159 8.14 -0.56 -15.34
N TRP B 160 9.39 -0.24 -15.05
CA TRP B 160 9.74 0.75 -14.05
C TRP B 160 9.28 2.12 -14.51
N ASN B 161 9.02 3.02 -13.57
CA ASN B 161 8.63 4.37 -13.93
C ASN B 161 9.21 5.33 -12.91
N THR B 162 8.91 6.61 -13.09
CA THR B 162 9.43 7.62 -12.17
C THR B 162 8.95 7.42 -10.74
N ALA B 163 7.78 6.82 -10.57
CA ALA B 163 7.27 6.61 -9.23
C ALA B 163 7.76 5.32 -8.58
N VAL B 164 7.59 4.19 -9.28
CA VAL B 164 7.99 2.89 -8.73
C VAL B 164 8.70 1.99 -9.75
N GLY B 165 9.46 1.03 -9.26
CA GLY B 165 10.19 0.12 -10.13
C GLY B 165 9.32 -0.94 -10.80
N ALA B 166 9.92 -1.74 -11.69
CA ALA B 166 9.17 -2.78 -12.38
C ALA B 166 8.68 -3.85 -11.42
N SER B 167 7.44 -4.29 -11.64
CA SER B 167 6.82 -5.31 -10.81
C SER B 167 5.68 -5.98 -11.57
N VAL B 168 4.72 -6.50 -10.83
CA VAL B 168 3.58 -7.19 -11.42
C VAL B 168 2.27 -6.71 -10.79
N LYS B 169 1.28 -6.48 -11.65
CA LYS B 169 -0.05 -6.06 -11.22
C LYS B 169 -0.96 -7.29 -11.18
N LEU B 170 -1.68 -7.50 -10.08
CA LEU B 170 -2.60 -8.64 -10.01
C LEU B 170 -3.93 -8.07 -10.52
N GLN B 171 -4.17 -8.27 -11.80
CA GLN B 171 -5.37 -7.73 -12.41
C GLN B 171 -6.60 -8.57 -12.10
N LEU B 172 -7.53 -7.96 -11.38
CA LEU B 172 -8.78 -8.59 -10.97
C LEU B 172 -9.61 -9.00 -12.17
N GLU B 173 -10.07 -10.25 -12.17
CA GLU B 173 -10.91 -10.75 -13.26
C GLU B 173 -12.33 -11.02 -12.75
N SER B 174 -12.45 -11.57 -11.54
CA SER B 174 -13.77 -11.82 -10.93
C SER B 174 -13.58 -12.20 -9.46
N VAL B 175 -14.67 -12.20 -8.70
CA VAL B 175 -14.59 -12.47 -7.27
C VAL B 175 -15.69 -13.42 -6.84
N MET B 176 -15.38 -14.31 -5.89
CA MET B 176 -16.40 -15.20 -5.35
C MET B 176 -16.50 -14.76 -3.91
N LEU B 177 -17.71 -14.43 -3.49
CA LEU B 177 -17.97 -14.01 -2.12
C LEU B 177 -18.34 -15.28 -1.34
N VAL B 178 -17.50 -15.63 -0.38
CA VAL B 178 -17.70 -16.86 0.41
C VAL B 178 -18.42 -16.60 1.74
N GLU B 179 -18.07 -15.50 2.39
CA GLU B 179 -18.69 -15.10 3.64
C GLU B 179 -18.76 -13.58 3.67
N LEU B 180 -19.94 -13.02 3.91
CA LEU B 180 -20.13 -11.59 3.96
C LEU B 180 -19.98 -11.10 5.40
N ALA B 181 -19.06 -10.18 5.66
CA ALA B 181 -18.85 -9.72 7.04
C ALA B 181 -19.90 -8.76 7.60
N THR B 182 -20.15 -8.89 8.90
CA THR B 182 -21.08 -8.03 9.59
C THR B 182 -20.48 -6.62 9.65
N PHE B 183 -21.34 -5.60 9.56
CA PHE B 183 -20.87 -4.23 9.68
C PHE B 183 -21.16 -3.81 11.11
N GLY B 184 -20.13 -3.46 11.85
CA GLY B 184 -20.32 -3.03 13.22
C GLY B 184 -20.42 -4.16 14.23
N GLY B 185 -20.60 -3.78 15.50
CA GLY B 185 -20.73 -4.77 16.56
C GLY B 185 -19.44 -5.14 17.25
N GLY B 186 -18.29 -4.79 16.68
CA GLY B 186 -17.03 -5.15 17.29
C GLY B 186 -16.32 -4.01 18.00
N GLU B 187 -15.04 -4.25 18.31
CA GLU B 187 -14.21 -3.26 18.99
C GLU B 187 -14.32 -1.89 18.33
N ASP B 188 -14.09 -1.83 17.03
CA ASP B 188 -14.14 -0.57 16.30
C ASP B 188 -15.44 0.19 16.48
N ASP B 189 -16.58 -0.51 16.36
CA ASP B 189 -17.90 0.12 16.48
C ASP B 189 -18.04 0.94 17.78
N TRP B 190 -17.35 0.52 18.83
CA TRP B 190 -17.41 1.21 20.10
C TRP B 190 -16.63 2.52 20.22
N ALA B 191 -15.67 2.75 19.31
CA ALA B 191 -14.85 3.96 19.38
C ALA B 191 -15.69 5.24 19.43
N ASP B 192 -16.83 5.16 18.76
CA ASP B 192 -17.85 6.19 18.58
C ASP B 192 -18.70 6.35 19.84
N GLU B 193 -18.54 5.46 20.81
CA GLU B 193 -19.40 5.48 22.00
C GLU B 193 -18.71 5.39 23.36
N VAL B 194 -17.59 6.09 23.47
CA VAL B 194 -16.78 6.19 24.67
C VAL B 194 -17.57 6.74 25.86
N GLU B 195 -17.28 6.25 27.07
CA GLU B 195 -17.93 6.71 28.29
C GLU B 195 -16.89 7.43 29.12
N GLU B 196 -17.15 8.70 29.43
CA GLU B 196 -16.22 9.52 30.20
C GLU B 196 -15.94 8.96 31.57
N ASN B 197 -14.68 9.01 31.98
CA ASN B 197 -14.31 8.58 33.31
C ASN B 197 -14.84 7.24 33.77
N GLY B 198 -14.75 6.25 32.90
CA GLY B 198 -15.21 4.92 33.27
C GLY B 198 -14.05 3.96 33.42
N TYR B 199 -14.39 2.68 33.46
CA TYR B 199 -13.39 1.63 33.59
C TYR B 199 -12.38 1.71 32.46
N VAL B 200 -11.10 1.54 32.77
CA VAL B 200 -10.07 1.59 31.75
C VAL B 200 -9.19 0.35 31.87
N ALA B 201 -8.93 -0.30 30.74
CA ALA B 201 -8.11 -1.50 30.73
C ALA B 201 -6.86 -1.32 31.61
N SER B 202 -6.71 -2.32 32.44
CA SER B 202 -5.74 -2.63 33.48
C SER B 202 -4.43 -1.94 33.86
CA CA C . -20.59 3.03 16.89
#